data_4E68
#
_entry.id   4E68
#
_cell.length_a   174.140
_cell.length_b   174.140
_cell.length_c   79.290
_cell.angle_alpha   90.00
_cell.angle_beta   90.00
_cell.angle_gamma   90.00
#
_symmetry.space_group_name_H-M   'I 41'
#
loop_
_entity.id
_entity.type
_entity.pdbx_description
1 polymer "DNA (5'-D(*TP*GP*CP*AP*TP*TP*TP*CP*CP*CP*GP*TP*AP*AP*AP*TP*CP*T)-3')"
2 polymer 'Signal transducer and activator of transcription 3'
3 water water
#
loop_
_entity_poly.entity_id
_entity_poly.type
_entity_poly.pdbx_seq_one_letter_code
_entity_poly.pdbx_strand_id
1 'polydeoxyribonucleotide' (DT)(DG)(DC)(DA)(DT)(DT)(DT)(DC)(DC)(DC)(DG)(DT)(DA)(DA)(DA)(DT)(DC)(DT) B
2 'polypeptide(L)'
;GQANHPTAAVVTEKQQMLEQHLQDVRKRVQDLEQKMKVVENLQDDFDFNYKTLKSQGDMQDLNGNNQSVTRQKMQQLEQM
LTALDQMRRSIVSELAGLLSAMEYVQKTLTDEELADWKRRQQIACIGGPPNICLDRLENWITSLAESQLQTRQQIKKLEE
LQQKVSYKGDPIVQHRPMLEERIVELFRNLMKSAFVVERQPCMPMHPDRPLVIKTGVQFTTKVRLLVKFPELNYQLKIKV
CIDKDSGDVAALRGSRKFNILGTNTKVMNMEESNNGSLSAEFKHLTLREQRCGNGGRANCDASLIVTEELHLITFETEVY
HQGLKIDLETHSLPVVVISNICQMPNAWASILWYNMLTNNPKNVNFFTKPPIGTWDQVAEVLSWQFSSTTKRGLSIEQLT
TLAEKLLGPGVNYSGCQITWAKFCKENMAGKGFSFWVWLDNIIDLVKKYILALWNEGYIMGFISKERERAILSTKPPGTF
LLRFSESSKEGGVTFTWVEKDISGSTQIQSVEPYTKQQLNNMSFAEIIMGYKIMDATNILVSPLVYLYPDIPKEEAFGKY
CRPESQEHPEADPGSAAPYLKTKFICVTPFIDAVWK
;
A
#
# COMPACT_ATOMS: atom_id res chain seq x y z
N VAL B 10 -16.66 6.34 -0.89
CA VAL B 10 -17.61 7.46 -1.15
C VAL B 10 -16.86 8.79 -1.31
N VAL B 11 -17.40 9.65 -2.17
CA VAL B 11 -16.83 10.95 -2.51
C VAL B 11 -16.81 12.01 -1.41
N THR B 12 -15.63 12.46 -0.99
CA THR B 12 -15.54 13.52 0.00
C THR B 12 -15.89 14.85 -0.71
N GLU B 13 -16.04 15.89 0.09
CA GLU B 13 -16.39 17.21 -0.42
C GLU B 13 -15.26 17.72 -1.31
N LYS B 14 -14.02 17.55 -0.84
CA LYS B 14 -12.84 17.98 -1.60
C LYS B 14 -12.78 17.30 -2.98
N GLN B 15 -13.15 16.03 -3.01
CA GLN B 15 -13.16 15.29 -4.24
C GLN B 15 -14.29 15.79 -5.14
N GLN B 16 -15.39 16.28 -4.55
CA GLN B 16 -16.49 16.87 -5.31
C GLN B 16 -15.93 18.10 -6.03
N MET B 17 -15.22 18.93 -5.27
CA MET B 17 -14.61 20.16 -5.82
C MET B 17 -13.61 19.93 -6.95
N LEU B 18 -12.72 18.95 -6.76
CA LEU B 18 -11.72 18.61 -7.75
C LEU B 18 -12.41 18.22 -9.03
N GLU B 19 -13.42 17.36 -8.89
CA GLU B 19 -14.19 16.93 -10.03
C GLU B 19 -14.77 18.14 -10.75
N GLN B 20 -15.32 19.08 -9.97
CA GLN B 20 -15.91 20.28 -10.52
C GLN B 20 -14.87 21.10 -11.28
N HIS B 21 -13.74 21.38 -10.62
CA HIS B 21 -12.65 22.13 -11.27
C HIS B 21 -12.23 21.46 -12.55
N LEU B 22 -12.07 20.14 -12.52
CA LEU B 22 -11.70 19.41 -13.72
C LEU B 22 -12.72 19.63 -14.86
N GLN B 23 -14.01 19.68 -14.53
CA GLN B 23 -15.00 19.96 -15.57
C GLN B 23 -14.93 21.42 -16.03
N ASP B 24 -14.68 22.35 -15.10
CA ASP B 24 -14.52 23.75 -15.48
C ASP B 24 -13.39 23.83 -16.48
N VAL B 25 -12.29 23.12 -16.20
CA VAL B 25 -11.16 23.08 -17.13
C VAL B 25 -11.59 22.57 -18.50
N ARG B 26 -12.33 21.46 -18.53
CA ARG B 26 -12.81 20.88 -19.78
C ARG B 26 -13.58 21.94 -20.57
N LYS B 27 -14.54 22.58 -19.89
CA LYS B 27 -15.39 23.62 -20.47
C LYS B 27 -14.56 24.76 -21.09
N ARG B 28 -13.59 25.27 -20.34
CA ARG B 28 -12.77 26.35 -20.86
C ARG B 28 -12.00 25.95 -22.12
N VAL B 29 -11.60 24.68 -22.16
CA VAL B 29 -10.85 24.15 -23.30
C VAL B 29 -11.80 24.12 -24.49
N GLN B 30 -13.03 23.68 -24.26
CA GLN B 30 -14.07 23.66 -25.31
C GLN B 30 -14.41 25.11 -25.75
N ASP B 31 -14.62 26.03 -24.79
CA ASP B 31 -14.87 27.42 -25.18
C ASP B 31 -13.73 27.95 -26.02
N LEU B 32 -12.48 27.61 -25.67
CA LEU B 32 -11.33 28.09 -26.43
C LEU B 32 -11.29 27.53 -27.83
N GLU B 33 -11.66 26.26 -27.95
CA GLU B 33 -11.69 25.59 -29.24
C GLU B 33 -12.64 26.34 -30.19
N GLN B 34 -13.81 26.70 -29.67
CA GLN B 34 -14.84 27.40 -30.40
C GLN B 34 -14.16 28.67 -30.86
N LYS B 35 -13.58 29.41 -29.90
CA LYS B 35 -12.93 30.67 -30.20
C LYS B 35 -11.80 30.57 -31.24
N MET B 36 -11.14 29.41 -31.31
CA MET B 36 -10.09 29.19 -32.30
C MET B 36 -10.71 28.98 -33.67
N LYS B 37 -11.80 28.24 -33.70
CA LYS B 37 -12.52 28.01 -34.94
C LYS B 37 -12.93 29.37 -35.53
N VAL B 38 -13.52 30.22 -34.71
CA VAL B 38 -13.99 31.53 -35.16
C VAL B 38 -12.86 32.41 -35.68
N VAL B 39 -11.78 32.49 -34.93
CA VAL B 39 -10.64 33.33 -35.30
C VAL B 39 -9.98 32.82 -36.59
N GLU B 40 -9.96 31.51 -36.78
CA GLU B 40 -9.36 30.97 -38.00
C GLU B 40 -10.23 31.26 -39.22
N ASN B 41 -11.55 31.16 -39.11
CA ASN B 41 -12.44 31.46 -40.23
C ASN B 41 -12.31 32.92 -40.61
N LEU B 42 -12.16 33.76 -39.60
CA LEU B 42 -12.01 35.16 -39.83
C LEU B 42 -10.69 35.40 -40.53
N GLN B 43 -9.64 34.75 -40.06
CA GLN B 43 -8.34 34.88 -40.70
C GLN B 43 -8.40 34.42 -42.15
N ASP B 44 -9.13 33.34 -42.43
CA ASP B 44 -9.32 32.86 -43.81
C ASP B 44 -10.01 33.94 -44.65
N ASP B 45 -11.11 34.48 -44.11
CA ASP B 45 -11.87 35.55 -44.80
C ASP B 45 -11.00 36.78 -45.09
N PHE B 46 -10.22 37.21 -44.10
CA PHE B 46 -9.34 38.37 -44.26
C PHE B 46 -8.27 38.11 -45.31
N ASP B 47 -7.75 36.90 -45.29
CA ASP B 47 -6.69 36.49 -46.19
C ASP B 47 -7.22 36.53 -47.64
N PHE B 48 -8.40 35.97 -47.84
CA PHE B 48 -9.06 35.95 -49.12
C PHE B 48 -9.37 37.36 -49.63
N ASN B 49 -10.00 38.17 -48.77
CA ASN B 49 -10.35 39.55 -49.13
C ASN B 49 -9.15 40.39 -49.51
N TYR B 50 -8.04 40.18 -48.80
CA TYR B 50 -6.79 40.89 -49.03
C TYR B 50 -6.32 40.66 -50.45
N LYS B 51 -6.34 39.39 -50.86
CA LYS B 51 -5.93 39.00 -52.20
C LYS B 51 -6.88 39.56 -53.25
N THR B 52 -8.18 39.36 -53.03
CA THR B 52 -9.19 39.86 -53.97
C THR B 52 -8.99 41.36 -54.18
N LEU B 53 -8.52 42.05 -53.16
CA LEU B 53 -8.32 43.48 -53.26
C LEU B 53 -7.08 43.82 -54.11
N LYS B 54 -6.07 42.96 -54.07
CA LYS B 54 -4.88 43.16 -54.91
C LYS B 54 -5.09 42.79 -56.39
N SER B 55 -6.05 41.90 -56.65
CA SER B 55 -6.39 41.49 -58.01
C SER B 55 -6.90 42.68 -58.83
N GLN B 56 -6.86 43.88 -58.25
CA GLN B 56 -7.33 45.10 -58.90
C GLN B 56 -6.49 46.32 -58.50
N GLY B 57 -5.46 46.10 -57.69
CA GLY B 57 -4.58 47.17 -57.24
C GLY B 57 -3.53 47.49 -58.29
N ASP B 58 -4.00 48.00 -59.44
CA ASP B 58 -3.13 48.38 -60.56
C ASP B 58 -2.37 49.67 -60.28
N SER B 68 -14.96 53.85 -59.70
CA SER B 68 -15.75 53.19 -58.68
C SER B 68 -15.21 53.45 -57.26
N VAL B 69 -16.14 53.65 -56.33
CA VAL B 69 -15.83 53.93 -54.90
C VAL B 69 -15.70 52.66 -54.01
N THR B 70 -15.28 51.56 -54.64
CA THR B 70 -15.09 50.23 -54.03
C THR B 70 -13.96 50.13 -52.99
N ARG B 71 -13.95 51.07 -52.05
CA ARG B 71 -12.94 51.08 -50.96
C ARG B 71 -13.49 50.99 -49.51
N GLN B 72 -14.78 50.62 -49.39
CA GLN B 72 -15.37 50.36 -48.09
C GLN B 72 -14.85 48.95 -47.82
N LYS B 73 -14.25 48.36 -48.85
CA LYS B 73 -13.62 47.06 -48.75
C LYS B 73 -12.31 47.25 -48.02
N MET B 74 -11.63 48.33 -48.32
CA MET B 74 -10.40 48.63 -47.64
C MET B 74 -10.85 48.79 -46.17
N GLN B 75 -11.96 49.50 -45.94
CA GLN B 75 -12.49 49.64 -44.58
C GLN B 75 -12.83 48.26 -44.01
N GLN B 76 -13.40 47.39 -44.85
CA GLN B 76 -13.74 46.04 -44.36
C GLN B 76 -12.47 45.29 -43.96
N LEU B 77 -11.45 45.42 -44.77
CA LEU B 77 -10.20 44.72 -44.57
C LEU B 77 -9.54 45.14 -43.23
N GLU B 78 -9.53 46.43 -42.95
CA GLU B 78 -8.94 46.96 -41.71
C GLU B 78 -9.74 46.54 -40.50
N GLN B 79 -11.06 46.55 -40.65
CA GLN B 79 -11.94 46.17 -39.56
C GLN B 79 -11.83 44.68 -39.24
N MET B 80 -11.56 43.86 -40.24
CA MET B 80 -11.39 42.45 -39.98
C MET B 80 -10.11 42.26 -39.20
N LEU B 81 -9.06 42.94 -39.66
CA LEU B 81 -7.75 42.87 -39.00
C LEU B 81 -7.85 43.25 -37.53
N THR B 82 -8.52 44.37 -37.24
CA THR B 82 -8.71 44.84 -35.87
C THR B 82 -9.41 43.78 -35.06
N ALA B 83 -10.46 43.19 -35.65
CA ALA B 83 -11.22 42.12 -34.99
C ALA B 83 -10.29 40.93 -34.70
N LEU B 84 -9.47 40.52 -35.67
CA LEU B 84 -8.51 39.41 -35.45
C LEU B 84 -7.60 39.71 -34.26
N ASP B 85 -6.99 40.90 -34.23
CA ASP B 85 -6.14 41.27 -33.10
C ASP B 85 -6.87 41.10 -31.78
N GLN B 86 -8.10 41.62 -31.72
CA GLN B 86 -8.90 41.54 -30.50
C GLN B 86 -9.21 40.09 -30.09
N MET B 87 -9.52 39.24 -31.05
CA MET B 87 -9.78 37.83 -30.75
C MET B 87 -8.49 37.20 -30.24
N ARG B 88 -7.37 37.52 -30.87
CA ARG B 88 -6.08 36.98 -30.45
C ARG B 88 -5.68 37.38 -29.03
N ARG B 89 -5.95 38.63 -28.63
CA ARG B 89 -5.61 39.07 -27.27
C ARG B 89 -6.49 38.32 -26.30
N SER B 90 -7.75 38.19 -26.67
CA SER B 90 -8.72 37.53 -25.84
C SER B 90 -8.34 36.07 -25.59
N ILE B 91 -7.91 35.40 -26.68
CA ILE B 91 -7.50 33.99 -26.66
C ILE B 91 -6.25 33.80 -25.80
N VAL B 92 -5.24 34.60 -26.07
CA VAL B 92 -3.99 34.55 -25.32
C VAL B 92 -4.25 34.83 -23.84
N SER B 93 -5.15 35.78 -23.59
CA SER B 93 -5.49 36.10 -22.21
C SER B 93 -6.21 34.92 -21.55
N GLU B 94 -7.17 34.29 -22.22
CA GLU B 94 -7.87 33.13 -21.64
C GLU B 94 -6.95 31.91 -21.43
N LEU B 95 -6.05 31.66 -22.37
CA LEU B 95 -5.10 30.55 -22.22
C LEU B 95 -4.28 30.71 -20.93
N ALA B 96 -3.70 31.90 -20.74
CA ALA B 96 -2.91 32.19 -19.52
C ALA B 96 -3.74 31.87 -18.28
N GLY B 97 -5.00 32.28 -18.30
CA GLY B 97 -5.90 32.02 -17.19
C GLY B 97 -6.13 30.54 -16.99
N LEU B 98 -6.31 29.83 -18.09
CA LEU B 98 -6.55 28.37 -18.02
C LEU B 98 -5.31 27.67 -17.43
N LEU B 99 -4.15 28.05 -17.96
CA LEU B 99 -2.89 27.53 -17.48
C LEU B 99 -2.74 27.65 -15.96
N SER B 100 -3.08 28.82 -15.42
CA SER B 100 -2.97 29.07 -13.97
C SER B 100 -3.91 28.19 -13.18
N ALA B 101 -5.11 27.99 -13.72
CA ALA B 101 -6.10 27.16 -13.08
C ALA B 101 -5.58 25.74 -13.12
N MET B 102 -5.12 25.29 -14.28
CA MET B 102 -4.53 23.94 -14.40
C MET B 102 -3.40 23.75 -13.39
N GLU B 103 -2.52 24.76 -13.29
CA GLU B 103 -1.38 24.72 -12.37
C GLU B 103 -1.85 24.59 -10.93
N TYR B 104 -2.96 25.21 -10.59
CA TYR B 104 -3.43 25.12 -9.22
C TYR B 104 -4.03 23.75 -8.92
N VAL B 105 -4.88 23.28 -9.81
CA VAL B 105 -5.59 21.99 -9.68
C VAL B 105 -4.68 20.76 -9.78
N GLN B 106 -3.71 20.79 -10.71
CA GLN B 106 -2.79 19.69 -10.84
C GLN B 106 -2.13 19.43 -9.47
N LYS B 107 -1.85 20.50 -8.72
CA LYS B 107 -1.25 20.32 -7.40
C LYS B 107 -2.21 19.60 -6.45
N THR B 108 -3.49 19.95 -6.51
CA THR B 108 -4.48 19.30 -5.66
C THR B 108 -4.53 17.83 -6.03
N LEU B 109 -4.45 17.57 -7.34
CA LEU B 109 -4.54 16.22 -7.88
C LEU B 109 -3.32 15.36 -7.47
N THR B 110 -2.12 15.85 -7.78
CA THR B 110 -0.86 15.11 -7.51
C THR B 110 -0.31 15.15 -6.06
N ASP B 111 -0.17 16.33 -5.45
CA ASP B 111 0.38 16.43 -4.10
C ASP B 111 -0.61 16.14 -2.96
N GLU B 112 -1.88 15.99 -3.28
CA GLU B 112 -2.85 15.76 -2.22
C GLU B 112 -3.66 14.48 -2.41
N GLU B 113 -4.48 14.39 -3.44
CA GLU B 113 -5.28 13.18 -3.63
C GLU B 113 -4.46 11.91 -3.92
N LEU B 114 -3.51 12.00 -4.85
CA LEU B 114 -2.64 10.89 -5.20
C LEU B 114 -1.76 10.51 -4.01
N ALA B 115 -1.28 11.52 -3.28
CA ALA B 115 -0.45 11.29 -2.11
C ALA B 115 -1.27 10.59 -1.04
N ASP B 116 -2.54 10.96 -0.89
CA ASP B 116 -3.39 10.29 0.10
C ASP B 116 -3.51 8.83 -0.34
N TRP B 117 -3.62 8.60 -1.65
CA TRP B 117 -3.69 7.22 -2.14
C TRP B 117 -2.41 6.47 -1.83
N LYS B 118 -1.25 7.09 -2.05
CA LYS B 118 0.04 6.44 -1.70
C LYS B 118 0.08 6.07 -0.24
N ARG B 119 -0.44 6.97 0.61
CA ARG B 119 -0.44 6.66 2.04
C ARG B 119 -1.36 5.49 2.33
N ARG B 120 -2.57 5.51 1.77
CA ARG B 120 -3.47 4.41 2.06
C ARG B 120 -2.93 3.06 1.49
N GLN B 121 -2.04 3.13 0.50
CA GLN B 121 -1.43 1.89 -0.01
C GLN B 121 -0.49 1.32 1.06
N GLN B 122 0.27 2.21 1.70
CA GLN B 122 1.14 1.78 2.81
C GLN B 122 0.34 1.03 3.84
N ILE B 123 -0.72 1.67 4.32
CA ILE B 123 -1.63 1.11 5.35
C ILE B 123 -2.24 -0.20 4.89
N ALA B 124 -2.71 -0.27 3.64
CA ALA B 124 -3.29 -1.52 3.17
C ALA B 124 -2.25 -2.64 3.17
N CYS B 125 -1.00 -2.33 2.79
CA CYS B 125 0.06 -3.34 2.79
C CYS B 125 0.20 -3.97 4.17
N ILE B 126 0.15 -3.14 5.21
CA ILE B 126 0.32 -3.70 6.55
C ILE B 126 -0.96 -4.25 7.21
N GLY B 127 -1.95 -4.55 6.38
CA GLY B 127 -3.23 -5.12 6.81
C GLY B 127 -4.37 -4.17 7.15
N GLY B 128 -4.16 -2.88 6.91
CA GLY B 128 -5.17 -1.84 7.18
C GLY B 128 -6.41 -1.82 6.29
N PRO B 129 -7.31 -0.84 6.50
CA PRO B 129 -8.54 -0.71 5.73
C PRO B 129 -8.16 -0.33 4.32
N PRO B 130 -8.44 -1.24 3.36
CA PRO B 130 -8.09 -1.07 1.95
C PRO B 130 -8.65 0.17 1.21
N ASN B 131 -9.15 -0.12 0.01
CA ASN B 131 -9.62 0.89 -0.95
C ASN B 131 -8.43 1.74 -1.30
N ILE B 132 -7.69 1.11 -2.18
CA ILE B 132 -6.49 1.60 -2.75
C ILE B 132 -6.86 1.57 -4.25
N CYS B 133 -8.14 1.89 -4.52
CA CYS B 133 -8.67 1.90 -5.88
C CYS B 133 -8.21 3.14 -6.62
N LEU B 134 -7.68 2.90 -7.82
CA LEU B 134 -7.13 3.94 -8.69
C LEU B 134 -8.03 4.48 -9.78
N ASP B 135 -9.21 3.91 -9.96
CA ASP B 135 -10.11 4.36 -11.03
C ASP B 135 -10.39 5.85 -11.03
N ARG B 136 -10.71 6.40 -9.86
CA ARG B 136 -11.03 7.83 -9.77
C ARG B 136 -9.82 8.65 -10.21
N LEU B 137 -8.69 8.49 -9.52
CA LEU B 137 -7.45 9.21 -9.87
C LEU B 137 -7.13 9.12 -11.37
N GLU B 138 -7.22 7.91 -11.90
CA GLU B 138 -6.97 7.67 -13.32
C GLU B 138 -7.95 8.47 -14.16
N ASN B 139 -9.22 8.48 -13.77
CA ASN B 139 -10.20 9.30 -14.50
C ASN B 139 -9.86 10.80 -14.39
N TRP B 140 -9.49 11.28 -13.20
CA TRP B 140 -9.11 12.69 -13.09
C TRP B 140 -7.88 13.03 -13.87
N ILE B 141 -6.83 12.23 -13.67
CA ILE B 141 -5.56 12.44 -14.33
C ILE B 141 -5.69 12.42 -15.85
N THR B 142 -6.46 11.47 -16.37
CA THR B 142 -6.64 11.36 -17.81
C THR B 142 -7.40 12.56 -18.34
N SER B 143 -8.42 13.00 -17.61
CA SER B 143 -9.19 14.16 -18.03
C SER B 143 -8.28 15.40 -18.17
N LEU B 144 -7.51 15.68 -17.13
CA LEU B 144 -6.61 16.80 -17.16
C LEU B 144 -5.60 16.69 -18.31
N ALA B 145 -5.05 15.48 -18.52
CA ALA B 145 -4.08 15.25 -19.59
C ALA B 145 -4.67 15.56 -20.96
N GLU B 146 -5.90 15.09 -21.19
CA GLU B 146 -6.57 15.36 -22.44
C GLU B 146 -6.75 16.88 -22.54
N SER B 147 -7.26 17.51 -21.49
CA SER B 147 -7.42 18.97 -21.53
C SER B 147 -6.12 19.68 -21.91
N GLN B 148 -5.00 19.21 -21.34
CA GLN B 148 -3.70 19.83 -21.60
C GLN B 148 -3.21 19.63 -23.02
N LEU B 149 -3.41 18.44 -23.58
CA LEU B 149 -2.98 18.22 -24.97
C LEU B 149 -3.81 19.00 -25.95
N GLN B 150 -5.10 19.08 -25.70
CA GLN B 150 -5.92 19.90 -26.57
C GLN B 150 -5.46 21.36 -26.44
N THR B 151 -5.15 21.80 -25.21
CA THR B 151 -4.66 23.17 -24.98
C THR B 151 -3.34 23.41 -25.71
N ARG B 152 -2.47 22.40 -25.70
CA ARG B 152 -1.18 22.51 -26.39
C ARG B 152 -1.40 22.69 -27.89
N GLN B 153 -2.39 21.98 -28.43
CA GLN B 153 -2.72 22.06 -29.88
C GLN B 153 -3.29 23.41 -30.27
N GLN B 154 -3.99 24.09 -29.36
CA GLN B 154 -4.52 25.43 -29.63
C GLN B 154 -3.31 26.38 -29.74
N ILE B 155 -2.43 26.30 -28.74
CA ILE B 155 -1.23 27.12 -28.68
C ILE B 155 -0.39 26.91 -29.94
N LYS B 156 -0.32 25.65 -30.40
CA LYS B 156 0.40 25.37 -31.64
C LYS B 156 -0.32 26.01 -32.83
N LYS B 157 -1.65 26.06 -32.78
CA LYS B 157 -2.45 26.65 -33.86
C LYS B 157 -2.22 28.18 -33.92
N LEU B 158 -2.13 28.80 -32.74
CA LEU B 158 -1.87 30.22 -32.68
C LEU B 158 -0.57 30.48 -33.40
N GLU B 159 0.41 29.60 -33.18
CA GLU B 159 1.73 29.70 -33.81
C GLU B 159 1.63 29.68 -35.34
N GLU B 160 0.88 28.73 -35.90
CA GLU B 160 0.75 28.67 -37.35
C GLU B 160 -0.08 29.82 -37.90
N LEU B 161 -1.03 30.31 -37.13
CA LEU B 161 -1.83 31.49 -37.52
C LEU B 161 -0.95 32.71 -37.65
N GLN B 162 0.04 32.82 -36.77
CA GLN B 162 0.97 33.95 -36.77
C GLN B 162 1.90 33.89 -37.99
N GLN B 163 2.29 32.68 -38.38
CA GLN B 163 3.16 32.47 -39.54
C GLN B 163 2.52 32.97 -40.84
N LYS B 164 1.20 33.07 -40.83
CA LYS B 164 0.46 33.54 -42.00
C LYS B 164 0.12 35.02 -41.90
N VAL B 165 -0.30 35.47 -40.71
CA VAL B 165 -0.71 36.86 -40.48
C VAL B 165 -0.11 37.46 -39.23
N SER B 166 0.77 38.44 -39.39
CA SER B 166 1.36 39.08 -38.21
C SER B 166 1.57 40.59 -38.43
N TYR B 167 1.79 41.30 -37.34
CA TYR B 167 1.95 42.75 -37.34
C TYR B 167 2.68 43.18 -36.05
N LYS B 168 2.97 44.47 -35.93
CA LYS B 168 3.63 45.00 -34.75
C LYS B 168 2.63 45.02 -33.57
N GLY B 169 3.02 44.37 -32.48
CA GLY B 169 2.17 44.30 -31.29
C GLY B 169 1.35 43.02 -31.26
N ASP B 170 1.55 42.14 -32.25
CA ASP B 170 0.85 40.84 -32.36
C ASP B 170 0.95 40.07 -31.03
N PRO B 171 -0.19 39.88 -30.34
CA PRO B 171 -0.16 39.21 -29.04
C PRO B 171 0.32 37.75 -29.12
N ILE B 172 0.26 37.13 -30.30
CA ILE B 172 0.75 35.77 -30.42
C ILE B 172 2.27 35.79 -30.28
N VAL B 173 2.95 36.75 -30.91
CA VAL B 173 4.41 36.78 -30.85
C VAL B 173 4.89 37.09 -29.43
N GLN B 174 4.18 37.96 -28.73
CA GLN B 174 4.61 38.30 -27.37
C GLN B 174 4.30 37.27 -26.27
N HIS B 175 3.25 36.46 -26.42
CA HIS B 175 2.86 35.51 -25.38
C HIS B 175 2.99 34.03 -25.65
N ARG B 176 2.93 33.62 -26.91
CA ARG B 176 2.97 32.18 -27.23
C ARG B 176 4.12 31.36 -26.60
N PRO B 177 5.39 31.83 -26.72
CA PRO B 177 6.47 31.04 -26.12
C PRO B 177 6.23 30.66 -24.67
N MET B 178 5.70 31.58 -23.87
CA MET B 178 5.45 31.32 -22.46
C MET B 178 4.30 30.35 -22.26
N LEU B 179 3.34 30.42 -23.17
CA LEU B 179 2.16 29.55 -23.15
C LEU B 179 2.63 28.11 -23.43
N GLU B 180 3.52 27.93 -24.42
CA GLU B 180 4.09 26.61 -24.73
C GLU B 180 4.85 26.06 -23.54
N GLU B 181 5.77 26.86 -23.02
CA GLU B 181 6.61 26.44 -21.90
C GLU B 181 5.76 25.96 -20.72
N ARG B 182 4.75 26.75 -20.36
CA ARG B 182 3.88 26.38 -19.23
C ARG B 182 3.10 25.12 -19.47
N ILE B 183 2.57 24.96 -20.68
CA ILE B 183 1.79 23.75 -20.95
C ILE B 183 2.65 22.48 -21.02
N VAL B 184 3.87 22.62 -21.57
CA VAL B 184 4.76 21.49 -21.67
C VAL B 184 5.18 21.04 -20.28
N GLU B 185 5.36 22.00 -19.38
CA GLU B 185 5.78 21.75 -18.01
C GLU B 185 4.68 21.02 -17.24
N LEU B 186 3.43 21.45 -17.42
CA LEU B 186 2.29 20.82 -16.76
C LEU B 186 2.13 19.37 -17.19
N PHE B 187 2.18 19.16 -18.50
CA PHE B 187 2.02 17.83 -19.07
C PHE B 187 3.18 16.92 -18.70
N ARG B 188 4.39 17.43 -18.90
CA ARG B 188 5.60 16.71 -18.56
C ARG B 188 5.48 16.25 -17.10
N ASN B 189 5.12 17.15 -16.17
CA ASN B 189 4.95 16.77 -14.76
C ASN B 189 3.76 15.85 -14.45
N LEU B 190 2.66 15.98 -15.21
CA LEU B 190 1.51 15.14 -14.94
C LEU B 190 1.85 13.70 -15.35
N MET B 191 2.48 13.54 -16.52
CA MET B 191 2.96 12.23 -16.96
C MET B 191 3.82 11.57 -15.86
N LYS B 192 4.81 12.29 -15.34
CA LYS B 192 5.67 11.71 -14.29
C LYS B 192 4.94 11.26 -13.02
N SER B 193 3.98 12.06 -12.54
CA SER B 193 3.23 11.72 -11.33
C SER B 193 2.32 10.52 -11.58
N ALA B 194 1.89 10.38 -12.82
CA ALA B 194 0.95 9.34 -13.22
C ALA B 194 1.56 7.93 -13.25
N PHE B 195 2.89 7.84 -13.15
CA PHE B 195 3.56 6.55 -13.22
C PHE B 195 3.75 6.05 -11.79
N VAL B 196 2.99 5.02 -11.43
CA VAL B 196 2.99 4.55 -10.06
C VAL B 196 3.06 3.03 -9.89
N VAL B 197 3.39 2.58 -8.67
CA VAL B 197 3.42 1.16 -8.39
C VAL B 197 2.05 0.81 -7.87
N GLU B 198 1.30 0.10 -8.69
CA GLU B 198 -0.03 -0.32 -8.34
C GLU B 198 0.04 -1.47 -7.36
N ARG B 199 1.00 -2.35 -7.54
CA ARG B 199 1.12 -3.47 -6.62
C ARG B 199 2.57 -3.71 -6.23
N GLN B 200 2.84 -3.42 -4.97
CA GLN B 200 4.18 -3.53 -4.38
C GLN B 200 4.75 -4.94 -4.47
N PRO B 201 6.11 -5.06 -4.53
CA PRO B 201 6.83 -6.33 -4.58
C PRO B 201 6.28 -7.27 -3.54
N CYS B 202 5.86 -8.44 -3.95
CA CYS B 202 5.32 -9.39 -2.99
C CYS B 202 5.48 -10.78 -3.53
N MET B 203 5.73 -11.73 -2.65
CA MET B 203 5.84 -13.15 -3.05
C MET B 203 4.46 -13.77 -3.05
N PRO B 204 4.08 -14.36 -4.18
CA PRO B 204 2.75 -15.00 -4.24
C PRO B 204 2.51 -15.98 -3.09
N MET B 205 3.57 -16.63 -2.60
CA MET B 205 3.47 -17.54 -1.44
C MET B 205 3.18 -16.86 -0.08
N HIS B 206 3.32 -15.54 -0.02
CA HIS B 206 3.13 -14.81 1.22
C HIS B 206 2.32 -13.56 0.96
N PRO B 207 1.06 -13.74 0.52
CA PRO B 207 0.17 -12.62 0.16
C PRO B 207 0.00 -11.57 1.25
N ASP B 208 0.11 -11.97 2.51
CA ASP B 208 -0.01 -11.03 3.64
C ASP B 208 1.33 -10.39 4.02
N ARG B 209 2.37 -10.70 3.26
CA ARG B 209 3.69 -10.19 3.55
C ARG B 209 4.36 -9.42 2.38
N PRO B 210 3.70 -8.36 1.88
CA PRO B 210 4.36 -7.64 0.82
C PRO B 210 5.62 -6.91 1.33
N LEU B 211 6.52 -6.55 0.42
CA LEU B 211 7.73 -5.79 0.76
C LEU B 211 8.82 -6.61 1.46
N VAL B 212 8.63 -7.92 1.51
CA VAL B 212 9.62 -8.83 2.07
C VAL B 212 9.95 -9.84 0.98
N ILE B 213 11.18 -9.80 0.46
CA ILE B 213 11.58 -10.75 -0.58
C ILE B 213 12.70 -11.71 -0.14
N LYS B 214 12.49 -12.98 -0.44
CA LYS B 214 13.47 -14.00 -0.19
C LYS B 214 14.19 -14.32 -1.50
N THR B 215 15.54 -14.27 -1.47
CA THR B 215 16.39 -14.58 -2.65
C THR B 215 16.00 -15.92 -3.22
N GLY B 216 15.96 -16.03 -4.54
CA GLY B 216 15.59 -17.30 -5.19
C GLY B 216 14.09 -17.59 -5.38
N VAL B 217 13.25 -16.99 -4.55
CA VAL B 217 11.80 -17.20 -4.63
C VAL B 217 11.17 -16.14 -5.52
N GLN B 218 10.21 -16.56 -6.33
CA GLN B 218 9.56 -15.62 -7.25
C GLN B 218 8.69 -14.56 -6.56
N PHE B 219 8.61 -13.39 -7.16
CA PHE B 219 7.77 -12.31 -6.62
C PHE B 219 7.23 -11.51 -7.80
N THR B 220 6.10 -10.84 -7.60
CA THR B 220 5.56 -10.05 -8.68
C THR B 220 5.35 -8.64 -8.19
N THR B 221 5.15 -7.73 -9.13
CA THR B 221 4.93 -6.34 -8.86
C THR B 221 4.34 -5.72 -10.13
N LYS B 222 3.56 -4.65 -10.00
CA LYS B 222 2.90 -4.05 -11.16
C LYS B 222 2.88 -2.53 -11.15
N VAL B 223 3.13 -1.95 -12.32
CA VAL B 223 3.12 -0.51 -12.46
C VAL B 223 2.00 -0.10 -13.38
N ARG B 224 1.57 1.13 -13.17
CA ARG B 224 0.43 1.70 -13.87
C ARG B 224 0.78 3.11 -14.32
N LEU B 225 0.26 3.51 -15.48
CA LEU B 225 0.46 4.85 -15.98
C LEU B 225 -0.95 5.42 -16.03
N LEU B 226 -1.24 6.28 -15.06
CA LEU B 226 -2.57 6.89 -14.91
C LEU B 226 -3.09 7.78 -16.06
N VAL B 227 -2.29 8.00 -17.09
CA VAL B 227 -2.76 8.77 -18.21
C VAL B 227 -3.24 7.72 -19.21
N LYS B 228 -4.55 7.53 -19.27
CA LYS B 228 -5.12 6.48 -20.11
C LYS B 228 -5.17 6.82 -21.60
N PHE B 229 -4.02 6.87 -22.25
CA PHE B 229 -3.97 7.12 -23.69
C PHE B 229 -3.81 5.85 -24.50
N PRO B 230 -4.83 5.46 -25.27
CA PRO B 230 -4.82 4.27 -26.15
C PRO B 230 -3.70 4.33 -27.18
N GLU B 231 -3.36 5.52 -27.66
CA GLU B 231 -2.27 5.68 -28.63
C GLU B 231 -0.97 5.02 -28.13
N LEU B 232 -0.78 5.00 -26.80
CA LEU B 232 0.42 4.45 -26.16
C LEU B 232 0.38 2.94 -25.88
N ASN B 233 -0.70 2.28 -26.27
CA ASN B 233 -0.79 0.84 -26.03
C ASN B 233 0.41 0.11 -26.68
N TYR B 234 1.06 -0.79 -25.95
CA TYR B 234 2.23 -1.54 -26.48
C TYR B 234 3.42 -0.68 -26.94
N GLN B 235 3.42 0.60 -26.61
CA GLN B 235 4.50 1.47 -27.06
C GLN B 235 5.66 1.60 -26.09
N LEU B 236 5.38 1.48 -24.78
CA LEU B 236 6.42 1.67 -23.79
C LEU B 236 7.00 0.37 -23.23
N LYS B 237 8.31 0.37 -23.04
CA LYS B 237 9.00 -0.78 -22.50
C LYS B 237 9.48 -0.34 -21.13
N ILE B 238 9.07 -1.05 -20.09
CA ILE B 238 9.42 -0.71 -18.74
C ILE B 238 10.52 -1.62 -18.24
N LYS B 239 11.58 -1.03 -17.71
CA LYS B 239 12.69 -1.78 -17.19
C LYS B 239 12.73 -1.70 -15.66
N VAL B 240 12.86 -2.84 -15.01
CA VAL B 240 12.93 -2.88 -13.55
C VAL B 240 14.33 -3.28 -13.08
N CYS B 241 14.75 -2.78 -11.93
CA CYS B 241 16.04 -3.15 -11.36
C CYS B 241 15.93 -2.89 -9.86
N ILE B 242 16.91 -3.34 -9.08
CA ILE B 242 16.92 -3.13 -7.64
C ILE B 242 18.25 -2.47 -7.31
N ASP B 243 18.31 -1.69 -6.24
CA ASP B 243 19.53 -1.03 -5.82
C ASP B 243 20.19 -0.20 -6.92
N LYS B 244 19.38 0.48 -7.72
CA LYS B 244 19.89 1.36 -8.78
C LYS B 244 20.80 2.42 -8.18
N ASP B 245 21.80 2.82 -8.98
CA ASP B 245 22.82 3.85 -8.68
C ASP B 245 23.24 4.07 -7.23
N SER B 246 22.27 4.13 -6.32
CA SER B 246 22.51 4.35 -4.88
C SER B 246 23.35 3.27 -4.19
N GLY B 247 23.65 2.21 -4.93
CA GLY B 247 24.51 1.14 -4.46
C GLY B 247 25.91 1.54 -4.89
N ASP B 248 26.23 2.83 -4.73
CA ASP B 248 27.51 3.42 -5.12
C ASP B 248 27.96 4.49 -4.08
N VAL B 249 27.67 5.76 -4.34
CA VAL B 249 28.07 6.87 -3.45
C VAL B 249 26.91 7.80 -3.04
N ALA B 250 27.23 8.75 -2.15
CA ALA B 250 26.29 9.76 -1.61
C ALA B 250 25.05 9.20 -0.89
N ALA B 251 25.21 8.04 -0.23
CA ALA B 251 24.11 7.38 0.50
C ALA B 251 24.62 6.37 1.55
N LEU B 252 23.83 5.31 1.79
CA LEU B 252 24.14 4.24 2.75
C LEU B 252 25.44 3.49 2.39
N ARG B 253 26.01 2.77 3.36
CA ARG B 253 27.26 2.07 3.10
C ARG B 253 27.35 0.79 3.94
N GLY B 254 27.83 -0.29 3.32
CA GLY B 254 27.96 -1.60 3.99
C GLY B 254 26.81 -2.55 3.69
N SER B 255 25.86 -2.09 2.90
CA SER B 255 24.68 -2.87 2.54
C SER B 255 25.01 -3.98 1.56
N ARG B 256 24.22 -5.05 1.63
CA ARG B 256 24.34 -6.12 0.66
C ARG B 256 23.74 -5.47 -0.61
N LYS B 257 24.11 -5.98 -1.77
CA LYS B 257 23.64 -5.42 -3.03
C LYS B 257 23.02 -6.61 -3.76
N PHE B 258 22.00 -6.36 -4.58
CA PHE B 258 21.32 -7.45 -5.26
C PHE B 258 21.06 -7.17 -6.73
N ASN B 259 20.66 -8.21 -7.45
CA ASN B 259 20.32 -8.10 -8.86
C ASN B 259 18.97 -8.81 -9.08
N ILE B 260 18.21 -8.36 -10.06
CA ILE B 260 16.98 -9.03 -10.36
C ILE B 260 17.19 -10.02 -11.47
N LEU B 261 16.74 -11.26 -11.25
CA LEU B 261 16.79 -12.30 -12.32
C LEU B 261 15.36 -12.51 -12.89
N GLY B 262 15.27 -13.02 -14.11
CA GLY B 262 13.98 -13.24 -14.78
C GLY B 262 13.78 -12.17 -15.87
N THR B 263 12.55 -12.02 -16.34
CA THR B 263 12.31 -11.02 -17.35
C THR B 263 12.25 -9.60 -16.78
N ASN B 264 13.41 -9.01 -16.94
CA ASN B 264 13.88 -7.68 -16.62
C ASN B 264 13.07 -6.50 -17.24
N THR B 265 12.53 -6.70 -18.44
CA THR B 265 11.74 -5.65 -19.09
C THR B 265 10.33 -6.17 -19.40
N LYS B 266 9.40 -5.27 -19.66
CA LYS B 266 8.04 -5.67 -19.91
C LYS B 266 7.36 -4.55 -20.63
N VAL B 267 6.63 -4.91 -21.67
CA VAL B 267 5.93 -3.93 -22.43
C VAL B 267 4.62 -3.57 -21.72
N MET B 268 4.34 -2.27 -21.60
CA MET B 268 3.12 -1.81 -20.97
C MET B 268 1.96 -1.90 -21.98
N ASN B 269 0.81 -2.40 -21.53
CA ASN B 269 -0.36 -2.54 -22.41
C ASN B 269 -1.67 -2.43 -21.64
N MET B 270 -2.78 -2.47 -22.37
CA MET B 270 -4.12 -2.39 -21.77
C MET B 270 -4.78 -3.75 -21.78
N GLU B 271 -4.07 -4.77 -21.32
CA GLU B 271 -4.54 -6.15 -21.31
C GLU B 271 -5.64 -6.39 -20.24
N GLU B 272 -5.77 -7.64 -19.80
CA GLU B 272 -6.75 -8.08 -18.76
C GLU B 272 -8.11 -7.35 -18.63
N SER B 273 -8.52 -6.63 -19.69
CA SER B 273 -9.77 -5.84 -19.74
C SER B 273 -9.82 -4.72 -18.69
N ASN B 274 -10.72 -4.84 -17.71
CA ASN B 274 -10.89 -3.84 -16.63
C ASN B 274 -10.35 -2.45 -16.95
N ASN B 275 -11.25 -1.58 -17.41
CA ASN B 275 -10.94 -0.20 -17.77
C ASN B 275 -10.01 0.00 -18.97
N GLY B 276 -9.15 -1.00 -19.23
CA GLY B 276 -8.19 -0.91 -20.31
C GLY B 276 -7.11 0.08 -19.90
N SER B 277 -6.66 -0.07 -18.66
CA SER B 277 -5.63 0.80 -18.12
C SER B 277 -4.24 0.40 -18.60
N LEU B 278 -3.37 1.38 -18.77
CA LEU B 278 -2.03 1.08 -19.15
C LEU B 278 -1.34 0.50 -17.92
N SER B 279 -0.98 -0.77 -17.99
CA SER B 279 -0.23 -1.37 -16.91
C SER B 279 0.86 -2.29 -17.42
N ALA B 280 1.79 -2.64 -16.54
CA ALA B 280 2.87 -3.55 -16.86
C ALA B 280 3.12 -4.39 -15.62
N GLU B 281 2.83 -5.67 -15.75
CA GLU B 281 3.04 -6.58 -14.65
C GLU B 281 4.24 -7.51 -14.86
N PHE B 282 5.09 -7.60 -13.83
CA PHE B 282 6.29 -8.42 -13.83
C PHE B 282 6.05 -9.60 -12.92
N LYS B 283 6.07 -10.78 -13.50
CA LYS B 283 5.88 -12.01 -12.73
C LYS B 283 7.18 -12.81 -12.81
N HIS B 284 7.34 -13.76 -11.90
CA HIS B 284 8.52 -14.63 -11.91
C HIS B 284 9.82 -13.86 -11.82
N LEU B 285 9.82 -12.81 -11.01
CA LEU B 285 11.05 -12.05 -10.76
C LEU B 285 11.76 -12.75 -9.60
N THR B 286 13.06 -12.65 -9.56
CA THR B 286 13.85 -13.31 -8.51
C THR B 286 15.02 -12.43 -8.14
N LEU B 287 15.41 -12.45 -6.86
CA LEU B 287 16.58 -11.69 -6.42
C LEU B 287 17.77 -12.61 -6.15
N ARG B 288 18.97 -12.13 -6.43
CA ARG B 288 20.20 -12.84 -6.10
C ARG B 288 21.23 -11.88 -5.55
N GLU B 289 21.93 -12.28 -4.51
CA GLU B 289 22.96 -11.38 -3.96
C GLU B 289 24.09 -11.20 -4.97
N GLN B 290 24.57 -9.96 -5.06
CA GLN B 290 25.68 -9.65 -5.93
C GLN B 290 26.91 -9.88 -5.07
N ARG B 291 27.55 -11.01 -5.28
CA ARG B 291 28.75 -11.37 -4.54
C ARG B 291 30.02 -10.77 -5.14
N CYS B 292 30.95 -10.39 -4.27
CA CYS B 292 32.27 -9.81 -4.60
C CYS B 292 32.33 -8.27 -4.71
N GLY B 293 33.54 -7.76 -4.56
CA GLY B 293 33.79 -6.32 -4.60
C GLY B 293 34.40 -5.93 -3.28
N ASN B 294 33.78 -4.96 -2.62
CA ASN B 294 34.19 -4.44 -1.29
C ASN B 294 33.52 -3.11 -0.91
N GLY B 295 34.05 -2.45 0.11
CA GLY B 295 33.52 -1.18 0.60
C GLY B 295 33.86 -0.97 2.06
N GLY B 296 33.28 -1.81 2.91
CA GLY B 296 33.50 -1.77 4.36
C GLY B 296 32.81 -2.94 5.02
N ARG B 297 31.48 -2.93 4.95
CA ARG B 297 30.60 -3.99 5.51
C ARG B 297 30.40 -3.98 7.04
N ALA B 298 31.46 -3.65 7.77
CA ALA B 298 31.41 -3.59 9.24
C ALA B 298 30.93 -2.21 9.74
N ASN B 299 31.62 -1.65 10.74
CA ASN B 299 31.30 -0.34 11.33
C ASN B 299 29.97 -0.26 12.11
N CYS B 300 30.08 -0.41 13.43
CA CYS B 300 28.95 -0.34 14.40
C CYS B 300 27.73 -1.22 14.10
N ASP B 301 27.64 -2.36 14.79
CA ASP B 301 26.53 -3.31 14.63
C ASP B 301 26.39 -3.75 13.16
N ALA B 302 27.54 -3.78 12.46
CA ALA B 302 27.63 -4.14 11.04
C ALA B 302 26.77 -3.23 10.14
N SER B 303 26.49 -2.02 10.65
CA SER B 303 25.65 -1.02 9.99
C SER B 303 24.33 -1.62 9.54
N LEU B 304 23.51 -1.96 10.54
CA LEU B 304 22.17 -2.52 10.35
C LEU B 304 22.11 -3.99 10.03
N ILE B 305 21.44 -4.76 10.91
CA ILE B 305 21.22 -6.18 10.71
C ILE B 305 20.46 -6.32 9.39
N VAL B 306 20.64 -7.48 8.78
CA VAL B 306 20.05 -7.78 7.51
C VAL B 306 18.51 -7.51 7.45
N THR B 307 17.76 -7.86 8.49
CA THR B 307 16.32 -7.62 8.47
C THR B 307 15.92 -6.14 8.72
N GLU B 308 16.90 -5.24 8.83
CA GLU B 308 16.66 -3.78 8.98
C GLU B 308 17.22 -2.99 7.80
N GLU B 309 17.85 -3.70 6.86
CA GLU B 309 18.40 -3.06 5.69
C GLU B 309 17.27 -2.92 4.65
N LEU B 310 17.21 -1.77 3.99
CA LEU B 310 16.14 -1.52 3.05
C LEU B 310 16.58 -1.25 1.63
N HIS B 311 15.80 -1.72 0.67
CA HIS B 311 16.15 -1.55 -0.74
C HIS B 311 15.00 -1.05 -1.54
N LEU B 312 15.32 -0.54 -2.72
CA LEU B 312 14.29 -0.03 -3.57
C LEU B 312 14.29 -0.72 -4.94
N ILE B 313 13.10 -1.10 -5.37
CA ILE B 313 12.96 -1.66 -6.68
C ILE B 313 12.48 -0.46 -7.49
N THR B 314 13.22 -0.14 -8.54
CA THR B 314 12.97 1.02 -9.41
C THR B 314 12.44 0.60 -10.75
N PHE B 315 11.51 1.38 -11.29
CA PHE B 315 10.90 1.11 -12.59
C PHE B 315 11.16 2.30 -13.48
N GLU B 316 11.51 2.07 -14.73
CA GLU B 316 11.82 3.18 -15.67
C GLU B 316 11.40 2.91 -17.07
N THR B 317 11.12 3.99 -17.78
CA THR B 317 10.78 3.98 -19.19
C THR B 317 10.83 5.40 -19.73
N GLU B 318 10.69 5.54 -21.03
CA GLU B 318 10.69 6.85 -21.63
C GLU B 318 9.52 6.88 -22.59
N VAL B 319 8.95 8.08 -22.73
CA VAL B 319 7.82 8.27 -23.60
C VAL B 319 8.14 9.36 -24.60
N TYR B 320 7.85 9.08 -25.86
CA TYR B 320 7.96 10.05 -26.92
C TYR B 320 6.52 10.24 -27.36
N HIS B 321 5.97 11.44 -27.18
CA HIS B 321 4.57 11.68 -27.53
C HIS B 321 4.34 13.07 -28.04
N GLN B 322 3.73 13.15 -29.22
CA GLN B 322 3.44 14.42 -29.89
C GLN B 322 4.58 15.45 -29.86
N GLY B 323 5.80 14.99 -30.14
CA GLY B 323 6.97 15.85 -30.18
C GLY B 323 7.77 15.99 -28.89
N LEU B 324 7.31 15.36 -27.81
CA LEU B 324 8.00 15.44 -26.52
C LEU B 324 8.65 14.15 -26.04
N LYS B 325 9.80 14.29 -25.40
CA LYS B 325 10.46 13.14 -24.81
C LYS B 325 10.30 13.31 -23.31
N ILE B 326 9.72 12.33 -22.64
CA ILE B 326 9.53 12.41 -21.20
C ILE B 326 10.06 11.13 -20.56
N ASP B 327 10.93 11.31 -19.57
CA ASP B 327 11.50 10.19 -18.84
C ASP B 327 10.65 9.94 -17.61
N LEU B 328 10.16 8.72 -17.47
CA LEU B 328 9.35 8.34 -16.31
C LEU B 328 10.13 7.40 -15.42
N GLU B 329 10.03 7.63 -14.12
CA GLU B 329 10.66 6.79 -13.12
C GLU B 329 9.80 6.73 -11.88
N THR B 330 9.66 5.52 -11.29
CA THR B 330 8.96 5.33 -10.03
C THR B 330 9.67 4.20 -9.32
N HIS B 331 9.36 4.00 -8.03
CA HIS B 331 9.99 2.94 -7.24
C HIS B 331 9.05 2.35 -6.22
N SER B 332 9.33 1.14 -5.75
CA SER B 332 8.48 0.52 -4.75
C SER B 332 8.71 1.12 -3.37
N LEU B 333 7.94 0.69 -2.39
CA LEU B 333 8.21 1.10 -1.02
C LEU B 333 9.46 0.33 -0.61
N PRO B 334 10.19 0.79 0.45
CA PRO B 334 11.40 0.07 0.80
C PRO B 334 11.10 -1.38 1.06
N VAL B 335 11.99 -2.24 0.59
CA VAL B 335 11.82 -3.67 0.71
C VAL B 335 12.91 -4.26 1.57
N VAL B 336 12.56 -5.30 2.34
CA VAL B 336 13.56 -6.04 3.14
C VAL B 336 13.90 -7.34 2.38
N VAL B 337 15.19 -7.60 2.22
CA VAL B 337 15.60 -8.82 1.51
C VAL B 337 16.16 -9.88 2.44
N ILE B 338 15.55 -11.06 2.46
CA ILE B 338 16.00 -12.13 3.34
C ILE B 338 16.51 -13.30 2.52
N SER B 339 17.24 -14.21 3.16
CA SER B 339 17.77 -15.37 2.44
C SER B 339 17.07 -16.64 2.85
N ASN B 340 16.49 -16.65 4.04
CA ASN B 340 15.77 -17.80 4.55
C ASN B 340 14.45 -17.34 5.17
N ILE B 341 13.46 -18.22 5.15
CA ILE B 341 12.12 -17.90 5.64
C ILE B 341 12.11 -17.64 7.15
N CYS B 342 13.05 -18.21 7.88
CA CYS B 342 13.11 -18.00 9.32
C CYS B 342 13.36 -16.53 9.69
N GLN B 343 13.73 -15.72 8.69
CA GLN B 343 14.00 -14.29 8.87
C GLN B 343 12.72 -13.47 8.63
N MET B 344 11.67 -14.13 8.12
CA MET B 344 10.42 -13.44 7.79
C MET B 344 9.81 -12.62 8.96
N PRO B 345 9.65 -13.25 10.14
CA PRO B 345 9.07 -12.52 11.28
C PRO B 345 9.74 -11.17 11.58
N ASN B 346 11.08 -11.12 11.59
CA ASN B 346 11.77 -9.86 11.88
C ASN B 346 11.69 -8.90 10.71
N ALA B 347 11.70 -9.47 9.51
CA ALA B 347 11.59 -8.71 8.30
C ALA B 347 10.26 -7.97 8.33
N TRP B 348 9.19 -8.70 8.64
CA TRP B 348 7.86 -8.12 8.70
C TRP B 348 7.76 -7.01 9.73
N ALA B 349 8.34 -7.22 10.91
CA ALA B 349 8.33 -6.19 11.94
C ALA B 349 8.94 -4.89 11.38
N SER B 350 9.96 -5.01 10.53
CA SER B 350 10.57 -3.80 9.96
C SER B 350 9.61 -3.12 9.03
N ILE B 351 8.88 -3.92 8.24
CA ILE B 351 7.91 -3.39 7.32
C ILE B 351 6.75 -2.72 8.07
N LEU B 352 6.27 -3.37 9.14
CA LEU B 352 5.19 -2.82 9.98
C LEU B 352 5.58 -1.43 10.47
N TRP B 353 6.73 -1.40 11.14
CA TRP B 353 7.26 -0.20 11.74
C TRP B 353 7.45 0.91 10.78
N TYR B 354 7.98 0.60 9.61
CA TYR B 354 8.25 1.64 8.63
C TYR B 354 6.96 2.28 8.17
N ASN B 355 6.00 1.46 7.76
CA ASN B 355 4.75 1.95 7.22
C ASN B 355 3.81 2.52 8.25
N MET B 356 3.93 2.03 9.48
CA MET B 356 3.11 2.54 10.55
C MET B 356 3.50 3.98 10.83
N LEU B 357 4.79 4.29 10.82
CA LEU B 357 5.30 5.60 11.24
C LEU B 357 5.88 6.62 10.26
N THR B 358 5.91 6.36 8.96
CA THR B 358 6.43 7.41 8.06
C THR B 358 5.70 7.36 6.74
N ASN B 359 5.64 8.49 6.07
CA ASN B 359 4.99 8.55 4.77
C ASN B 359 6.03 8.80 3.68
N ASN B 360 7.29 8.86 4.11
CA ASN B 360 8.43 9.01 3.23
C ASN B 360 8.52 7.68 2.47
N PRO B 361 8.52 7.72 1.13
CA PRO B 361 8.52 6.47 0.40
C PRO B 361 9.89 5.92 0.03
N LYS B 362 10.96 6.57 0.47
CA LYS B 362 12.30 6.12 0.10
C LYS B 362 13.37 6.37 1.16
N ASN B 363 13.01 6.22 2.43
CA ASN B 363 13.98 6.44 3.49
C ASN B 363 14.70 5.13 3.77
N VAL B 364 15.65 4.78 2.93
CA VAL B 364 16.39 3.54 3.11
C VAL B 364 17.23 3.49 4.40
N ASN B 365 17.47 4.64 5.01
CA ASN B 365 18.24 4.70 6.26
C ASN B 365 17.38 4.67 7.51
N PHE B 366 16.06 4.59 7.31
CA PHE B 366 15.07 4.57 8.40
C PHE B 366 15.54 3.92 9.70
N PHE B 367 16.09 2.72 9.63
CA PHE B 367 16.54 2.03 10.85
C PHE B 367 17.84 2.51 11.48
N THR B 368 18.46 3.53 10.91
CA THR B 368 19.67 4.13 11.50
C THR B 368 19.24 4.70 12.84
N LYS B 369 18.13 5.44 12.85
CA LYS B 369 17.57 6.02 14.06
C LYS B 369 16.03 5.92 13.94
N PRO B 370 15.46 4.77 14.28
CA PRO B 370 14.02 4.56 14.12
C PRO B 370 13.13 5.45 14.99
N PRO B 371 12.00 5.94 14.45
CA PRO B 371 11.10 6.78 15.22
C PRO B 371 10.36 5.96 16.25
N ILE B 372 9.75 6.64 17.22
CA ILE B 372 9.05 5.98 18.30
C ILE B 372 7.55 6.04 18.03
N GLY B 373 6.83 5.00 18.41
CA GLY B 373 5.39 4.98 18.19
C GLY B 373 4.60 5.13 19.47
N THR B 374 3.29 5.38 19.34
CA THR B 374 2.42 5.51 20.50
C THR B 374 1.72 4.18 20.61
N TRP B 375 1.23 3.83 21.80
CA TRP B 375 0.54 2.55 21.93
C TRP B 375 -0.68 2.46 21.06
N ASP B 376 -1.32 3.60 20.81
CA ASP B 376 -2.50 3.63 19.94
C ASP B 376 -2.19 3.02 18.59
N GLN B 377 -1.30 3.71 17.84
CA GLN B 377 -0.88 3.26 16.52
C GLN B 377 -0.40 1.79 16.45
N VAL B 378 0.33 1.35 17.48
CA VAL B 378 0.83 -0.04 17.55
C VAL B 378 -0.30 -1.04 17.79
N ALA B 379 -1.27 -0.65 18.61
CA ALA B 379 -2.39 -1.55 18.92
C ALA B 379 -3.32 -1.74 17.71
N GLU B 380 -3.42 -0.71 16.87
CA GLU B 380 -4.22 -0.82 15.68
C GLU B 380 -3.51 -1.82 14.75
N VAL B 381 -2.23 -1.57 14.49
CA VAL B 381 -1.40 -2.43 13.64
C VAL B 381 -1.47 -3.88 14.08
N LEU B 382 -1.32 -4.12 15.37
CA LEU B 382 -1.36 -5.50 15.85
C LEU B 382 -2.67 -6.19 15.53
N SER B 383 -3.76 -5.42 15.55
CA SER B 383 -5.08 -5.98 15.30
C SER B 383 -5.19 -6.42 13.84
N TRP B 384 -4.73 -5.55 12.95
CA TRP B 384 -4.74 -5.88 11.53
C TRP B 384 -4.06 -7.18 11.25
N GLN B 385 -2.92 -7.41 11.88
CA GLN B 385 -2.14 -8.63 11.68
C GLN B 385 -2.95 -9.88 11.96
N PHE B 386 -4.03 -9.71 12.72
CA PHE B 386 -4.91 -10.85 13.03
C PHE B 386 -6.03 -10.95 11.99
N SER B 387 -6.68 -9.82 11.73
CA SER B 387 -7.75 -9.75 10.76
C SER B 387 -7.24 -9.87 9.28
N SER B 388 -5.98 -10.29 9.13
CA SER B 388 -5.37 -10.51 7.84
C SER B 388 -5.50 -11.99 7.70
N THR B 389 -4.51 -12.69 8.24
CA THR B 389 -4.44 -14.14 8.19
C THR B 389 -5.74 -14.84 8.65
N THR B 390 -6.53 -14.16 9.48
CA THR B 390 -7.77 -14.74 10.00
C THR B 390 -9.04 -13.94 9.82
N LYS B 391 -10.10 -14.61 10.27
CA LYS B 391 -11.48 -14.16 10.27
C LYS B 391 -11.72 -12.84 11.02
N ARG B 392 -11.03 -12.65 12.15
CA ARG B 392 -11.12 -11.37 12.93
C ARG B 392 -9.96 -11.01 13.87
N GLY B 393 -9.88 -9.71 14.17
CA GLY B 393 -8.83 -9.12 14.98
C GLY B 393 -8.68 -9.43 16.45
N LEU B 394 -8.54 -8.35 17.23
CA LEU B 394 -8.32 -8.44 18.67
C LEU B 394 -9.23 -7.56 19.51
N SER B 395 -9.89 -8.20 20.49
CA SER B 395 -10.77 -7.52 21.46
C SER B 395 -9.86 -6.88 22.48
N ILE B 396 -10.32 -5.81 23.12
CA ILE B 396 -9.49 -5.11 24.11
C ILE B 396 -9.09 -6.03 25.29
N GLU B 397 -9.92 -7.02 25.58
CA GLU B 397 -9.66 -8.00 26.63
C GLU B 397 -8.33 -8.72 26.33
N GLN B 398 -8.03 -8.80 25.04
CA GLN B 398 -6.82 -9.42 24.52
C GLN B 398 -5.78 -8.35 24.34
N LEU B 399 -6.21 -7.20 23.83
CA LEU B 399 -5.32 -6.11 23.54
C LEU B 399 -4.72 -5.53 24.81
N THR B 400 -5.53 -4.87 25.63
CA THR B 400 -5.05 -4.26 26.89
C THR B 400 -4.16 -5.23 27.70
N THR B 401 -4.55 -6.51 27.78
CA THR B 401 -3.76 -7.49 28.53
C THR B 401 -2.53 -7.96 27.75
N LEU B 402 -2.01 -7.07 26.91
CA LEU B 402 -0.88 -7.34 26.05
C LEU B 402 -0.17 -6.00 26.03
N ALA B 403 -0.93 -4.94 26.25
CA ALA B 403 -0.38 -3.59 26.37
C ALA B 403 0.38 -3.58 27.70
N GLU B 404 -0.04 -4.50 28.57
CA GLU B 404 0.56 -4.67 29.87
C GLU B 404 1.83 -5.47 29.68
N LYS B 405 1.77 -6.56 28.90
CA LYS B 405 2.94 -7.40 28.66
C LYS B 405 4.17 -6.55 28.28
N LEU B 406 3.94 -5.49 27.51
CA LEU B 406 5.01 -4.56 27.11
C LEU B 406 5.24 -3.42 28.09
N LEU B 407 4.22 -3.05 28.85
CA LEU B 407 4.34 -1.92 29.78
C LEU B 407 4.01 -2.18 31.26
N GLY B 408 3.69 -3.43 31.57
CA GLY B 408 3.34 -3.84 32.94
C GLY B 408 2.13 -3.09 33.49
N PRO B 409 2.08 -2.94 34.83
CA PRO B 409 1.02 -2.22 35.54
C PRO B 409 0.77 -0.81 34.98
N GLY B 410 -0.48 -0.35 35.04
CA GLY B 410 -0.86 0.97 34.55
C GLY B 410 -2.32 1.03 34.14
N VAL B 411 -2.83 2.25 33.97
CA VAL B 411 -4.21 2.50 33.57
C VAL B 411 -4.22 3.51 32.41
N ASN B 412 -5.01 3.22 31.37
CA ASN B 412 -5.14 4.07 30.16
C ASN B 412 -3.78 4.35 29.49
N TYR B 413 -3.45 3.54 28.49
CA TYR B 413 -2.17 3.63 27.76
C TYR B 413 -2.15 4.59 26.57
N SER B 414 -3.29 5.18 26.25
CA SER B 414 -3.47 6.11 25.13
C SER B 414 -2.16 6.65 24.49
N GLY B 415 -1.46 7.53 25.20
CA GLY B 415 -0.22 8.14 24.70
C GLY B 415 1.11 7.53 25.09
N CYS B 416 1.09 6.27 25.56
CA CYS B 416 2.32 5.59 25.97
C CYS B 416 3.24 5.19 24.81
N GLN B 417 4.46 5.72 24.86
CA GLN B 417 5.47 5.45 23.84
C GLN B 417 5.97 4.01 23.79
N ILE B 418 6.18 3.51 22.57
CA ILE B 418 6.70 2.16 22.31
C ILE B 418 7.87 2.29 21.34
N THR B 419 9.06 1.87 21.78
CA THR B 419 10.24 1.96 20.91
C THR B 419 10.39 0.73 20.03
N TRP B 420 11.19 0.88 18.97
CA TRP B 420 11.53 -0.24 18.10
C TRP B 420 12.17 -1.35 18.94
N ALA B 421 13.05 -0.96 19.87
CA ALA B 421 13.70 -1.93 20.77
C ALA B 421 12.69 -2.75 21.55
N LYS B 422 11.72 -2.06 22.12
CA LYS B 422 10.70 -2.68 22.94
C LYS B 422 9.80 -3.57 22.09
N PHE B 423 9.51 -3.14 20.87
CA PHE B 423 8.63 -3.90 19.98
C PHE B 423 9.28 -5.12 19.34
N CYS B 424 10.51 -4.96 18.86
CA CYS B 424 11.13 -6.07 18.16
C CYS B 424 12.63 -6.22 18.26
N LYS B 425 13.36 -5.11 18.19
CA LYS B 425 14.83 -5.20 18.16
C LYS B 425 15.44 -5.94 19.32
N GLU B 426 14.82 -5.83 20.49
CA GLU B 426 15.37 -6.52 21.64
C GLU B 426 14.33 -7.40 22.29
N ASN B 427 14.82 -8.38 23.04
CA ASN B 427 13.99 -9.37 23.72
C ASN B 427 13.21 -8.70 24.83
N MET B 428 12.14 -9.34 25.24
CA MET B 428 11.31 -8.84 26.32
C MET B 428 12.05 -9.05 27.66
N ALA B 429 11.69 -8.22 28.63
CA ALA B 429 12.26 -8.20 29.98
C ALA B 429 13.05 -9.45 30.44
N GLY B 430 12.35 -10.57 30.62
CA GLY B 430 13.03 -11.78 31.10
C GLY B 430 13.01 -12.96 30.17
N LYS B 431 12.87 -12.70 28.87
CA LYS B 431 12.82 -13.78 27.89
C LYS B 431 13.98 -13.76 26.90
N GLY B 432 14.15 -14.86 26.15
CA GLY B 432 15.19 -14.96 25.14
C GLY B 432 14.68 -14.72 23.72
N PHE B 433 13.62 -13.92 23.61
CA PHE B 433 12.95 -13.59 22.33
C PHE B 433 12.13 -12.31 22.43
N SER B 434 11.87 -11.69 21.28
CA SER B 434 11.14 -10.42 21.21
C SER B 434 9.62 -10.50 21.20
N PHE B 435 9.00 -9.37 21.52
CA PHE B 435 7.57 -9.23 21.55
C PHE B 435 6.95 -9.64 20.23
N TRP B 436 7.29 -8.89 19.18
CA TRP B 436 6.75 -9.22 17.87
C TRP B 436 6.95 -10.64 17.38
N VAL B 437 8.14 -11.22 17.59
CA VAL B 437 8.40 -12.58 17.12
C VAL B 437 7.50 -13.60 17.83
N TRP B 438 7.22 -13.32 19.11
CA TRP B 438 6.36 -14.16 19.92
C TRP B 438 4.95 -14.10 19.37
N LEU B 439 4.48 -12.87 19.12
CA LEU B 439 3.12 -12.66 18.59
C LEU B 439 2.95 -13.21 17.17
N ASP B 440 3.98 -13.08 16.33
CA ASP B 440 3.96 -13.58 14.96
C ASP B 440 3.84 -15.10 15.00
N ASN B 441 4.49 -15.71 15.99
CA ASN B 441 4.40 -17.15 16.16
C ASN B 441 3.01 -17.64 16.57
N ILE B 442 2.30 -16.78 17.31
CA ILE B 442 0.95 -17.07 17.73
C ILE B 442 0.13 -17.04 16.45
N ILE B 443 0.02 -15.85 15.86
CA ILE B 443 -0.69 -15.65 14.59
C ILE B 443 -0.39 -16.79 13.62
N ASP B 444 0.86 -17.26 13.57
CA ASP B 444 1.17 -18.34 12.66
C ASP B 444 0.34 -19.50 13.17
N LEU B 445 0.81 -20.14 14.24
CA LEU B 445 0.15 -21.28 14.93
C LEU B 445 -1.36 -21.31 14.84
N VAL B 446 -1.97 -20.14 15.03
CA VAL B 446 -3.40 -19.96 15.00
C VAL B 446 -3.95 -20.07 13.56
N LYS B 447 -3.21 -20.79 12.72
CA LYS B 447 -3.54 -21.03 11.30
C LYS B 447 -3.29 -22.51 11.00
N LYS B 448 -2.04 -22.88 10.75
CA LYS B 448 -1.69 -24.28 10.46
C LYS B 448 -2.53 -25.29 11.25
N TYR B 449 -2.83 -24.95 12.51
CA TYR B 449 -3.65 -25.76 13.41
C TYR B 449 -4.61 -24.74 14.04
N ILE B 450 -5.67 -25.18 14.70
CA ILE B 450 -6.59 -24.25 15.38
C ILE B 450 -7.08 -23.11 14.52
N LEU B 451 -6.91 -23.20 13.20
CA LEU B 451 -7.36 -22.14 12.31
C LEU B 451 -8.83 -21.84 12.56
N ALA B 452 -9.65 -22.84 12.22
CA ALA B 452 -11.11 -22.82 12.34
C ALA B 452 -11.49 -22.48 13.77
N LEU B 453 -10.80 -23.16 14.69
CA LEU B 453 -10.98 -23.03 16.13
C LEU B 453 -10.76 -21.59 16.66
N TRP B 454 -9.76 -20.85 16.14
CA TRP B 454 -9.56 -19.46 16.57
C TRP B 454 -10.79 -18.71 16.22
N ASN B 455 -11.21 -18.87 14.97
CA ASN B 455 -12.38 -18.21 14.37
C ASN B 455 -12.86 -16.90 15.02
N GLU B 456 -14.17 -16.71 14.99
CA GLU B 456 -14.78 -15.51 15.54
C GLU B 456 -14.42 -15.23 17.00
N GLY B 457 -15.33 -15.45 17.94
CA GLY B 457 -15.02 -15.09 19.33
C GLY B 457 -14.86 -16.12 20.43
N TYR B 458 -14.45 -17.35 20.08
CA TYR B 458 -14.30 -18.40 21.08
C TYR B 458 -13.06 -18.36 21.95
N ILE B 459 -12.12 -17.45 21.67
CA ILE B 459 -10.89 -17.42 22.44
C ILE B 459 -10.51 -16.07 23.09
N MET B 460 -10.07 -16.16 24.35
CA MET B 460 -9.60 -15.01 25.11
C MET B 460 -8.19 -14.70 24.61
N GLY B 461 -7.35 -15.73 24.55
CA GLY B 461 -5.99 -15.62 24.04
C GLY B 461 -4.94 -14.83 24.81
N PHE B 462 -5.28 -13.63 25.23
CA PHE B 462 -4.31 -12.82 25.93
C PHE B 462 -4.92 -12.28 27.20
N ILE B 463 -4.52 -12.89 28.31
CA ILE B 463 -5.01 -12.50 29.62
C ILE B 463 -4.05 -12.99 30.69
N SER B 464 -3.62 -12.06 31.53
CA SER B 464 -2.70 -12.33 32.63
C SER B 464 -3.38 -13.15 33.69
N LYS B 465 -2.62 -14.10 34.27
CA LYS B 465 -3.11 -15.01 35.31
C LYS B 465 -3.94 -14.30 36.38
N GLU B 466 -3.60 -13.05 36.66
CA GLU B 466 -4.27 -12.21 37.65
C GLU B 466 -5.72 -11.96 37.21
N ARG B 467 -5.90 -11.45 35.99
CA ARG B 467 -7.23 -11.20 35.42
C ARG B 467 -7.88 -12.53 35.02
N GLU B 468 -7.04 -13.55 34.84
CA GLU B 468 -7.47 -14.89 34.49
C GLU B 468 -8.10 -15.50 35.74
N ARG B 469 -7.70 -15.01 36.91
CA ARG B 469 -8.29 -15.49 38.15
C ARG B 469 -9.73 -15.06 38.31
N ALA B 470 -10.07 -13.89 37.76
CA ALA B 470 -11.43 -13.37 37.80
C ALA B 470 -12.42 -14.19 36.92
N ILE B 471 -12.36 -15.52 37.03
CA ILE B 471 -13.25 -16.45 36.30
C ILE B 471 -13.87 -17.47 37.25
N LEU B 472 -13.17 -18.57 37.53
CA LEU B 472 -13.67 -19.59 38.46
C LEU B 472 -13.82 -19.00 39.86
N SER B 473 -13.21 -17.83 40.04
CA SER B 473 -13.24 -17.07 41.28
C SER B 473 -14.54 -16.25 41.37
N THR B 474 -15.32 -16.28 40.29
CA THR B 474 -16.61 -15.57 40.22
C THR B 474 -17.67 -16.40 39.46
N LYS B 475 -17.21 -17.30 38.60
CA LYS B 475 -18.09 -18.18 37.82
C LYS B 475 -18.05 -19.58 38.42
N PRO B 476 -19.09 -20.39 38.19
CA PRO B 476 -19.21 -21.75 38.73
C PRO B 476 -18.19 -22.78 38.21
N PRO B 477 -17.81 -23.76 39.07
CA PRO B 477 -16.85 -24.80 38.69
C PRO B 477 -17.19 -25.37 37.31
N GLY B 478 -16.17 -25.53 36.48
CA GLY B 478 -16.36 -26.03 35.13
C GLY B 478 -16.04 -24.98 34.07
N THR B 479 -16.40 -23.73 34.35
CA THR B 479 -16.17 -22.60 33.43
C THR B 479 -14.69 -22.46 33.04
N PHE B 480 -14.40 -22.60 31.75
CA PHE B 480 -13.01 -22.50 31.24
C PHE B 480 -12.78 -21.27 30.35
N LEU B 481 -11.49 -20.96 30.14
CA LEU B 481 -11.01 -19.83 29.34
C LEU B 481 -9.83 -20.29 28.47
N LEU B 482 -9.75 -19.75 27.25
CA LEU B 482 -8.73 -20.10 26.25
C LEU B 482 -7.68 -19.03 25.95
N ARG B 483 -6.40 -19.39 26.06
CA ARG B 483 -5.30 -18.43 25.82
C ARG B 483 -3.98 -19.06 25.31
N PHE B 484 -3.02 -18.20 24.95
CA PHE B 484 -1.72 -18.66 24.41
C PHE B 484 -0.55 -18.80 25.40
N SER B 485 0.41 -19.66 25.02
CA SER B 485 1.65 -19.89 25.77
C SER B 485 2.47 -18.61 25.77
N GLU B 486 2.48 -17.94 26.91
CA GLU B 486 3.14 -16.65 27.11
C GLU B 486 4.65 -16.72 27.34
N SER B 487 5.18 -17.93 27.52
CA SER B 487 6.61 -18.11 27.77
C SER B 487 7.28 -19.17 26.90
N SER B 488 6.93 -19.18 25.63
CA SER B 488 7.51 -20.09 24.66
C SER B 488 7.69 -19.33 23.36
N LYS B 489 8.86 -19.52 22.76
CA LYS B 489 9.18 -18.83 21.52
C LYS B 489 8.32 -19.27 20.33
N GLU B 490 8.30 -20.59 20.08
CA GLU B 490 7.59 -21.14 18.93
C GLU B 490 6.06 -20.99 18.98
N GLY B 491 5.50 -20.82 20.17
CA GLY B 491 4.05 -20.65 20.31
C GLY B 491 3.26 -21.87 20.76
N GLY B 492 2.27 -21.63 21.62
CA GLY B 492 1.38 -22.66 22.18
C GLY B 492 0.06 -22.14 22.73
N VAL B 493 -0.86 -23.07 23.01
CA VAL B 493 -2.21 -22.73 23.52
C VAL B 493 -2.64 -23.51 24.75
N THR B 494 -3.51 -22.91 25.56
CA THR B 494 -4.00 -23.59 26.75
C THR B 494 -5.38 -23.07 27.25
N PHE B 495 -5.77 -23.58 28.43
CA PHE B 495 -7.07 -23.30 29.06
C PHE B 495 -7.09 -23.35 30.62
N THR B 496 -8.31 -23.21 31.18
CA THR B 496 -8.58 -23.20 32.64
C THR B 496 -9.61 -24.24 33.13
N TRP B 497 -9.48 -24.66 34.40
CA TRP B 497 -10.35 -25.67 35.03
C TRP B 497 -9.96 -25.96 36.47
N VAL B 498 -10.87 -26.55 37.25
CA VAL B 498 -10.60 -26.89 38.68
C VAL B 498 -10.93 -28.32 39.16
N GLU B 499 -9.90 -29.16 39.30
CA GLU B 499 -10.02 -30.56 39.77
C GLU B 499 -8.70 -31.17 40.26
N LYS B 500 -8.58 -31.40 41.56
CA LYS B 500 -7.39 -32.00 42.21
C LYS B 500 -7.55 -31.92 43.74
N ASP B 501 -6.78 -32.74 44.47
CA ASP B 501 -6.78 -32.78 45.95
C ASP B 501 -8.21 -32.87 46.52
N ILE B 502 -8.57 -31.93 47.37
CA ILE B 502 -9.92 -31.87 47.98
C ILE B 502 -10.61 -30.53 47.70
N SER B 503 -10.03 -29.78 46.74
CA SER B 503 -10.54 -28.46 46.30
C SER B 503 -10.67 -27.47 47.46
N GLY B 504 -9.55 -26.84 47.84
CA GLY B 504 -9.51 -25.85 48.92
C GLY B 504 -10.51 -24.72 48.77
N SER B 505 -10.43 -24.05 47.63
CA SER B 505 -11.32 -22.95 47.24
C SER B 505 -11.21 -22.82 45.73
N THR B 506 -11.19 -23.99 45.07
CA THR B 506 -11.03 -24.13 43.60
C THR B 506 -9.72 -23.48 43.13
N GLN B 507 -8.68 -24.30 43.11
CA GLN B 507 -7.34 -23.88 42.71
C GLN B 507 -7.17 -24.00 41.19
N ILE B 508 -7.29 -22.87 40.51
CA ILE B 508 -7.19 -22.74 39.05
C ILE B 508 -5.99 -23.49 38.45
N GLN B 509 -6.24 -24.24 37.37
CA GLN B 509 -5.16 -25.00 36.70
C GLN B 509 -5.03 -24.85 35.19
N SER B 510 -3.87 -25.26 34.69
CA SER B 510 -3.52 -25.26 33.27
C SER B 510 -2.63 -26.47 32.95
N VAL B 511 -2.42 -26.74 31.67
CA VAL B 511 -1.62 -27.88 31.25
C VAL B 511 -0.45 -27.47 30.35
N GLU B 512 0.69 -28.15 30.51
CA GLU B 512 1.91 -27.89 29.74
C GLU B 512 1.59 -27.68 28.25
N PRO B 513 2.08 -26.57 27.66
CA PRO B 513 1.84 -26.17 26.27
C PRO B 513 2.16 -27.24 25.24
N TYR B 514 1.32 -27.30 24.20
CA TYR B 514 1.46 -28.25 23.10
C TYR B 514 2.20 -27.59 21.93
N THR B 515 3.44 -28.02 21.70
CA THR B 515 4.28 -27.49 20.61
C THR B 515 3.62 -27.84 19.27
N LYS B 516 3.95 -27.12 18.20
CA LYS B 516 3.33 -27.37 16.90
C LYS B 516 3.06 -28.85 16.63
N GLN B 517 4.02 -29.71 16.97
CA GLN B 517 3.90 -31.16 16.80
C GLN B 517 2.73 -31.77 17.60
N GLN B 518 2.46 -31.18 18.76
CA GLN B 518 1.39 -31.66 19.62
C GLN B 518 -0.04 -31.39 19.09
N LEU B 519 -0.17 -30.45 18.15
CA LEU B 519 -1.47 -30.17 17.55
C LEU B 519 -1.68 -30.86 16.20
N ASN B 520 -0.72 -31.72 15.84
CA ASN B 520 -0.77 -32.52 14.61
C ASN B 520 -1.50 -33.84 14.85
N ASN B 521 -1.73 -34.15 16.13
CA ASN B 521 -2.36 -35.40 16.51
C ASN B 521 -3.83 -35.24 16.79
N MET B 522 -4.15 -34.19 17.54
CA MET B 522 -5.51 -33.91 17.96
C MET B 522 -5.71 -32.42 17.89
N SER B 523 -6.88 -31.98 17.45
CA SER B 523 -7.10 -30.53 17.39
C SER B 523 -7.34 -30.03 18.81
N PHE B 524 -7.13 -28.73 19.01
CA PHE B 524 -7.33 -28.07 20.32
C PHE B 524 -8.77 -28.22 20.86
N ALA B 525 -9.78 -28.09 19.98
CA ALA B 525 -11.19 -28.23 20.37
C ALA B 525 -11.60 -29.69 20.51
N GLU B 526 -10.73 -30.58 20.01
CA GLU B 526 -10.88 -32.03 20.10
C GLU B 526 -10.36 -32.41 21.50
N ILE B 527 -9.38 -31.65 21.94
CA ILE B 527 -8.79 -31.80 23.27
C ILE B 527 -9.80 -31.27 24.30
N ILE B 528 -10.39 -30.11 24.02
CA ILE B 528 -11.39 -29.47 24.89
C ILE B 528 -12.63 -30.39 25.02
N MET B 529 -13.06 -30.95 23.89
CA MET B 529 -14.20 -31.88 23.82
C MET B 529 -13.70 -33.33 23.79
N GLY B 530 -12.91 -33.71 24.80
CA GLY B 530 -12.37 -35.07 24.88
C GLY B 530 -11.07 -35.17 25.66
N TYR B 531 -11.14 -34.76 26.92
CA TYR B 531 -9.99 -34.79 27.86
C TYR B 531 -10.44 -34.94 29.31
N LYS B 532 -10.20 -36.10 29.90
CA LYS B 532 -10.56 -36.34 31.30
C LYS B 532 -9.30 -36.16 32.14
N ILE B 533 -9.38 -36.38 33.44
CA ILE B 533 -8.21 -36.26 34.32
C ILE B 533 -8.13 -37.49 35.24
N MET B 534 -7.05 -38.26 35.10
CA MET B 534 -6.82 -39.49 35.87
C MET B 534 -6.41 -39.20 37.33
N ASP B 535 -7.41 -38.80 38.13
CA ASP B 535 -7.24 -38.47 39.57
C ASP B 535 -6.98 -39.71 40.44
N ALA B 536 -5.88 -39.66 41.20
CA ALA B 536 -5.44 -40.77 42.05
C ALA B 536 -5.17 -41.96 41.13
N THR B 537 -6.07 -42.94 41.15
CA THR B 537 -5.96 -44.13 40.29
C THR B 537 -7.35 -44.37 39.68
N ASN B 538 -7.38 -44.94 38.48
CA ASN B 538 -8.62 -45.27 37.74
C ASN B 538 -9.75 -44.22 37.57
N ILE B 539 -9.76 -43.16 38.38
CA ILE B 539 -10.79 -42.12 38.29
C ILE B 539 -10.43 -41.14 37.14
N LEU B 540 -10.96 -41.37 35.94
CA LEU B 540 -10.68 -40.49 34.79
C LEU B 540 -11.87 -39.55 34.56
N VAL B 541 -11.92 -38.48 35.37
CA VAL B 541 -13.03 -37.48 35.36
C VAL B 541 -13.42 -36.88 34.00
N SER B 542 -13.18 -35.60 33.76
CA SER B 542 -13.62 -35.00 32.50
C SER B 542 -13.20 -33.54 32.22
N PRO B 543 -13.42 -33.08 30.95
CA PRO B 543 -13.12 -31.70 30.63
C PRO B 543 -14.24 -30.87 31.22
N LEU B 544 -13.96 -29.62 31.54
CA LEU B 544 -14.95 -28.79 32.18
C LEU B 544 -15.88 -28.03 31.24
N VAL B 545 -17.17 -28.04 31.57
CA VAL B 545 -18.23 -27.36 30.81
C VAL B 545 -18.16 -25.84 30.89
N TYR B 546 -19.00 -25.16 30.09
CA TYR B 546 -19.12 -23.69 30.08
C TYR B 546 -17.88 -22.85 29.72
N LEU B 547 -17.72 -22.50 28.44
CA LEU B 547 -16.64 -21.61 28.02
C LEU B 547 -16.95 -20.31 28.77
N TYR B 548 -15.91 -19.64 29.27
CA TYR B 548 -16.01 -18.44 30.11
C TYR B 548 -17.35 -17.85 30.60
N PRO B 549 -18.18 -17.24 29.72
CA PRO B 549 -19.42 -16.73 30.33
C PRO B 549 -20.26 -17.85 30.95
N ASP B 550 -21.12 -18.49 30.14
CA ASP B 550 -21.99 -19.58 30.61
C ASP B 550 -22.36 -20.52 29.45
N ILE B 551 -21.49 -20.59 28.45
CA ILE B 551 -21.75 -21.40 27.28
C ILE B 551 -21.23 -22.83 27.50
N PRO B 552 -22.14 -23.82 27.51
CA PRO B 552 -21.67 -25.20 27.68
C PRO B 552 -20.81 -25.64 26.49
N LYS B 553 -19.68 -26.29 26.78
CA LYS B 553 -18.81 -26.79 25.73
C LYS B 553 -19.61 -27.81 24.93
N GLU B 554 -19.79 -27.54 23.62
CA GLU B 554 -20.58 -28.39 22.71
C GLU B 554 -21.15 -27.50 21.61
N GLU B 555 -21.81 -26.44 22.04
CA GLU B 555 -22.44 -25.43 21.18
C GLU B 555 -21.36 -24.64 20.44
N ALA B 556 -20.22 -24.50 21.10
CA ALA B 556 -19.07 -23.78 20.58
C ALA B 556 -18.01 -24.73 20.01
N PHE B 557 -17.67 -25.78 20.75
CA PHE B 557 -16.60 -26.68 20.33
C PHE B 557 -16.99 -28.01 19.71
N GLY B 558 -18.21 -28.48 19.99
CA GLY B 558 -18.72 -29.75 19.46
C GLY B 558 -18.89 -29.77 17.95
N LYS B 559 -18.61 -28.64 17.31
CA LYS B 559 -18.73 -28.46 15.85
C LYS B 559 -17.47 -28.82 15.05
N TYR B 560 -16.29 -28.59 15.62
CA TYR B 560 -15.01 -28.85 14.93
C TYR B 560 -14.46 -30.25 15.24
N CYS B 561 -15.34 -31.10 15.76
CA CYS B 561 -14.98 -32.47 16.09
C CYS B 561 -15.54 -33.36 14.99
N ARG B 562 -15.16 -34.64 15.04
CA ARG B 562 -15.56 -35.64 14.05
C ARG B 562 -15.90 -37.00 14.64
N ALA B 576 -11.55 -63.57 7.92
CA ALA B 576 -11.37 -62.69 6.78
C ALA B 576 -10.89 -61.30 7.19
N ALA B 577 -11.50 -60.75 8.25
CA ALA B 577 -11.17 -59.42 8.76
C ALA B 577 -11.22 -59.39 10.30
N PRO B 578 -10.80 -58.28 10.94
CA PRO B 578 -10.24 -57.02 10.45
C PRO B 578 -9.03 -56.61 11.30
N TYR B 579 -8.78 -55.30 11.33
CA TYR B 579 -7.71 -54.72 12.13
C TYR B 579 -8.38 -53.70 13.04
N LEU B 580 -7.95 -53.70 14.31
CA LEU B 580 -8.53 -52.82 15.32
C LEU B 580 -8.28 -51.32 15.10
N LYS B 581 -9.28 -50.65 14.51
CA LYS B 581 -9.27 -49.21 14.20
C LYS B 581 -8.86 -48.42 15.46
N THR B 582 -8.07 -47.36 15.29
CA THR B 582 -7.53 -46.64 16.44
C THR B 582 -7.55 -45.10 16.44
N LYS B 583 -7.47 -44.55 17.66
CA LYS B 583 -7.38 -43.11 17.95
C LYS B 583 -6.69 -42.89 19.32
N PHE B 584 -5.80 -41.89 19.35
CA PHE B 584 -5.00 -41.51 20.54
C PHE B 584 -5.65 -40.42 21.38
N ILE B 585 -5.35 -40.43 22.68
CA ILE B 585 -5.80 -39.39 23.64
C ILE B 585 -4.67 -39.29 24.68
N CYS B 586 -4.47 -38.08 25.21
CA CYS B 586 -3.40 -37.81 26.18
C CYS B 586 -3.83 -37.96 27.64
N VAL B 587 -4.79 -37.13 28.07
CA VAL B 587 -5.35 -37.15 29.45
C VAL B 587 -4.34 -37.26 30.60
N THR B 588 -4.22 -36.17 31.37
CA THR B 588 -3.27 -36.03 32.51
C THR B 588 -3.32 -37.15 33.57
N PRO B 589 -2.16 -37.83 33.80
CA PRO B 589 -2.01 -38.92 34.78
C PRO B 589 -1.09 -38.60 35.98
N PHE B 590 -1.68 -38.06 37.06
CA PHE B 590 -0.92 -37.73 38.27
C PHE B 590 -0.68 -38.97 39.15
#